data_8ISM
#
_entry.id   8ISM
#
_cell.length_a   187.413
_cell.length_b   38.573
_cell.length_c   95.990
_cell.angle_alpha   90.00
_cell.angle_beta   105.11
_cell.angle_gamma   90.00
#
_symmetry.space_group_name_H-M   'C 1 2 1'
#
loop_
_entity.id
_entity.type
_entity.pdbx_description
1 polymer 'Serum albumin'
2 non-polymer 'PALMITIC ACID'
3 non-polymer 7-(2-azanyl-5-chloranyl-phenyl)-3$l^{3}-thia-5,6$l^{4}-diaza-2$l^{3}-platinatricyclo[6.4.0.0^{2,6}]dodeca-1(12),3,6,8,10-pentaen-4-amine
#
_entity_poly.entity_id   1
_entity_poly.type   'polypeptide(L)'
_entity_poly.pdbx_seq_one_letter_code
;HKSEVAHRFKDLGEENFKALVLIAFAQYLQQCPFEDHVKLVNEVTEFAKTCVADESAENCDKSLHTLFGDKLCTVATLRE
TYGEMADCCAKQEPERNECFLQHKDDNPNLPRLVRPEVDVMCTAFHDNEETFLKKYLYEIARRHPYFYAPELLFFAKRYK
AAFTECCQAADKAACLLPKLDELRDEGKASSAKQRLKCASLQKFGERAFKAWAVARLSQRFPKAEFAEVSKLVTDLTKVH
TECCHGDLLECADDRADLAKYICENQDSISSKLKECCEKPLLEKSHCIAEVENDEMPADLPSLAADFVESKDVCKNYAEA
KDVFLGMFLYEYARRHPDYSVVLLLRLAKTYETTLEKCCAAADPHECYAKVFDEFKPLVEEPQNLIKQNCELFEQLGEYK
FQNALLVRYTKKVPQVSTPTLVEVSRNLGKVGSKCCKHPEAKRMPCAEDYLSVVLNQLCVLHEKTPVSDRVTKCCTESLV
NRRPCFSALEVDETYVPKEFNAETFTFHADICTLSEKERQIKKQTALVELVKHKPKATKEQLKAVMDDFAAFVEKCCKAD
DKETCFAEEGKKLVAASQAAL
;
_entity_poly.pdbx_strand_id   A
#
loop_
_chem_comp.id
_chem_comp.type
_chem_comp.name
_chem_comp.formula
PLM non-polymer 'PALMITIC ACID' 'C16 H32 O2'
ZJZ non-polymer 7-(2-azanyl-5-chloranyl-phenyl)-3$l^{3}-thia-5,6$l^{4}-diaza-2$l^{3}-platinatricyclo[6.4.0.0^{2,6}]dodeca-1(12),3,6,8,10-pentaen-4-amine 'C14 H12 Cl N4 Pt S'
#
# COMPACT_ATOMS: atom_id res chain seq x y z
N HIS A 1 5.17 -13.34 -34.16
CA HIS A 1 4.88 -11.88 -34.18
C HIS A 1 5.74 -11.12 -35.23
N LYS A 2 5.24 -11.10 -36.46
CA LYS A 2 5.79 -10.27 -37.54
C LYS A 2 5.63 -8.77 -37.27
N SER A 3 4.49 -8.38 -36.66
CA SER A 3 4.28 -7.00 -36.17
C SER A 3 3.90 -7.00 -34.69
N GLU A 4 4.74 -6.38 -33.85
CA GLU A 4 4.48 -6.27 -32.42
C GLU A 4 3.27 -5.38 -32.10
N VAL A 5 3.16 -4.21 -32.75
CA VAL A 5 1.94 -3.40 -32.60
C VAL A 5 0.68 -4.12 -33.06
N ALA A 6 0.69 -4.70 -34.25
CA ALA A 6 -0.49 -5.41 -34.73
C ALA A 6 -0.98 -6.41 -33.69
N HIS A 7 -0.04 -7.12 -33.08
CA HIS A 7 -0.37 -8.16 -32.15
C HIS A 7 -0.97 -7.59 -30.89
N ARG A 8 -0.33 -6.59 -30.28
CA ARG A 8 -0.85 -5.97 -29.04
C ARG A 8 -2.24 -5.40 -29.24
N PHE A 9 -2.49 -4.77 -30.38
CA PHE A 9 -3.81 -4.29 -30.79
C PHE A 9 -4.87 -5.40 -30.94
N LYS A 10 -4.45 -6.57 -31.42
CA LYS A 10 -5.32 -7.74 -31.45
C LYS A 10 -5.58 -8.30 -30.03
N ASP A 11 -4.52 -8.57 -29.28
CA ASP A 11 -4.67 -9.07 -27.90
C ASP A 11 -5.39 -8.11 -26.92
N LEU A 12 -5.24 -6.81 -27.11
CA LEU A 12 -5.79 -5.79 -26.20
C LEU A 12 -7.14 -5.25 -26.66
N GLY A 13 -7.31 -5.07 -27.96
CA GLY A 13 -8.50 -4.37 -28.50
C GLY A 13 -8.33 -2.86 -28.57
N GLU A 14 -9.03 -2.22 -29.51
CA GLU A 14 -8.90 -0.77 -29.69
C GLU A 14 -9.03 0.03 -28.40
N GLU A 15 -10.08 -0.20 -27.61
CA GLU A 15 -10.36 0.66 -26.44
C GLU A 15 -9.26 0.56 -25.44
N ASN A 16 -8.92 -0.67 -25.07
CA ASN A 16 -7.84 -0.85 -24.09
C ASN A 16 -6.49 -0.28 -24.60
N PHE A 17 -6.23 -0.44 -25.89
CA PHE A 17 -5.01 0.04 -26.55
C PHE A 17 -4.86 1.53 -26.39
N LYS A 18 -5.88 2.29 -26.79
CA LYS A 18 -5.90 3.77 -26.64
C LYS A 18 -5.64 4.24 -25.23
N ALA A 19 -6.23 3.56 -24.27
CA ALA A 19 -6.08 3.94 -22.87
C ALA A 19 -4.64 3.73 -22.45
N LEU A 20 -4.06 2.59 -22.82
CA LEU A 20 -2.72 2.26 -22.39
C LEU A 20 -1.70 3.15 -23.07
N VAL A 21 -1.87 3.42 -24.36
CA VAL A 21 -0.98 4.36 -25.04
C VAL A 21 -1.08 5.76 -24.42
N LEU A 22 -2.26 6.16 -23.93
CA LEU A 22 -2.40 7.48 -23.30
C LEU A 22 -1.64 7.50 -21.97
N ILE A 23 -1.94 6.53 -21.13
CA ILE A 23 -1.23 6.39 -19.85
C ILE A 23 0.29 6.34 -20.05
N ALA A 24 0.75 5.71 -21.12
CA ALA A 24 2.17 5.52 -21.34
C ALA A 24 2.84 6.85 -21.65
N PHE A 25 2.20 7.64 -22.52
CA PHE A 25 2.69 8.97 -22.90
C PHE A 25 2.53 10.00 -21.80
N ALA A 26 1.48 9.90 -21.00
CA ALA A 26 1.31 10.83 -19.88
C ALA A 26 2.31 10.57 -18.78
N GLN A 27 2.93 9.38 -18.78
CA GLN A 27 3.97 9.04 -17.82
C GLN A 27 5.39 9.51 -18.19
N TYR A 28 5.73 9.61 -19.47
CA TYR A 28 7.05 10.17 -19.88
C TYR A 28 6.96 11.70 -20.04
N LEU A 29 5.97 12.18 -20.79
CA LEU A 29 5.78 13.60 -21.06
C LEU A 29 4.81 14.29 -20.11
N GLN A 30 5.22 14.40 -18.85
CA GLN A 30 4.29 14.81 -17.77
C GLN A 30 3.92 16.29 -17.77
N GLN A 31 4.46 17.10 -18.68
CA GLN A 31 4.16 18.56 -18.72
C GLN A 31 3.44 19.05 -19.98
N CYS A 32 3.12 18.16 -20.91
CA CYS A 32 2.41 18.57 -22.12
C CYS A 32 0.92 18.55 -21.82
N PRO A 33 0.14 19.43 -22.48
CA PRO A 33 -1.32 19.46 -22.27
C PRO A 33 -2.07 18.21 -22.78
N PHE A 34 -3.28 18.02 -22.27
CA PHE A 34 -4.08 16.84 -22.57
C PHE A 34 -4.26 16.64 -24.07
N GLU A 35 -4.66 17.71 -24.76
CA GLU A 35 -5.02 17.65 -26.19
C GLU A 35 -3.84 17.29 -27.14
N ASP A 36 -2.58 17.46 -26.68
CA ASP A 36 -1.39 16.98 -27.44
C ASP A 36 -1.21 15.48 -27.37
N HIS A 37 -1.48 14.89 -26.20
CA HIS A 37 -1.48 13.44 -26.02
C HIS A 37 -2.61 12.75 -26.78
N VAL A 38 -3.72 13.46 -27.02
CA VAL A 38 -4.85 12.90 -27.78
C VAL A 38 -4.44 12.83 -29.25
N LYS A 39 -3.79 13.87 -29.75
CA LYS A 39 -3.30 13.84 -31.11
C LYS A 39 -2.34 12.65 -31.25
N LEU A 40 -1.46 12.46 -30.27
CA LEU A 40 -0.48 11.37 -30.33
C LEU A 40 -1.12 10.00 -30.33
N VAL A 41 -2.05 9.77 -29.39
CA VAL A 41 -2.81 8.51 -29.29
C VAL A 41 -3.47 8.12 -30.60
N ASN A 42 -4.18 9.07 -31.21
CA ASN A 42 -4.96 8.84 -32.44
C ASN A 42 -4.09 8.52 -33.66
N GLU A 43 -2.85 9.02 -33.64
CA GLU A 43 -1.85 8.78 -34.70
C GLU A 43 -1.14 7.43 -34.52
N VAL A 44 -0.81 7.10 -33.27
CA VAL A 44 -0.33 5.76 -32.94
C VAL A 44 -1.42 4.75 -33.29
N THR A 45 -2.68 5.04 -32.93
CA THR A 45 -3.82 4.16 -33.23
C THR A 45 -4.16 4.03 -34.72
N GLU A 46 -4.25 5.14 -35.44
CA GLU A 46 -4.41 5.09 -36.90
C GLU A 46 -3.33 4.17 -37.53
N PHE A 47 -2.11 4.29 -37.04
CA PHE A 47 -0.98 3.45 -37.47
C PHE A 47 -1.05 1.95 -37.09
N ALA A 48 -1.50 1.66 -35.86
CA ALA A 48 -1.76 0.28 -35.46
C ALA A 48 -2.77 -0.44 -36.38
N LYS A 49 -3.76 0.28 -36.89
CA LYS A 49 -4.79 -0.33 -37.73
C LYS A 49 -4.28 -0.63 -39.12
N THR A 50 -3.27 0.12 -39.54
CA THR A 50 -2.53 -0.13 -40.77
C THR A 50 -1.84 -1.48 -40.73
N CYS A 51 -1.26 -1.82 -39.57
CA CYS A 51 -0.53 -3.09 -39.38
C CYS A 51 -1.45 -4.28 -39.17
N VAL A 52 -2.59 -4.05 -38.54
CA VAL A 52 -3.59 -5.09 -38.37
C VAL A 52 -4.04 -5.52 -39.76
N ALA A 53 -4.41 -4.53 -40.59
CA ALA A 53 -4.79 -4.75 -42.00
C ALA A 53 -3.72 -5.43 -42.88
N ASP A 54 -2.46 -5.10 -42.65
CA ASP A 54 -1.34 -5.64 -43.43
C ASP A 54 -0.10 -5.68 -42.55
N GLU A 55 0.27 -6.89 -42.10
CA GLU A 55 1.51 -7.10 -41.34
C GLU A 55 2.81 -6.63 -42.07
N SER A 56 2.78 -6.64 -43.41
CA SER A 56 3.92 -6.25 -44.26
C SER A 56 4.01 -4.75 -44.59
N ALA A 57 3.04 -3.95 -44.14
CA ALA A 57 2.98 -2.52 -44.49
C ALA A 57 4.12 -1.72 -43.86
N GLU A 58 4.37 -0.52 -44.41
CA GLU A 58 5.57 0.26 -44.08
C GLU A 58 5.61 0.62 -42.59
N ASN A 59 6.79 0.42 -42.00
CA ASN A 59 7.07 0.64 -40.56
C ASN A 59 6.51 -0.39 -39.54
N CYS A 60 5.61 -1.30 -39.97
CA CYS A 60 5.08 -2.36 -39.08
C CYS A 60 6.08 -3.41 -38.61
N ASP A 61 7.22 -3.52 -39.26
CA ASP A 61 8.28 -4.43 -38.82
C ASP A 61 9.00 -3.96 -37.53
N LYS A 62 8.74 -2.74 -37.07
CA LYS A 62 9.53 -2.11 -36.01
C LYS A 62 9.08 -2.49 -34.58
N SER A 63 10.04 -2.44 -33.66
CA SER A 63 9.82 -2.73 -32.25
C SER A 63 8.92 -1.67 -31.57
N LEU A 64 8.23 -2.08 -30.50
CA LEU A 64 7.40 -1.16 -29.74
C LEU A 64 8.21 -0.05 -29.07
N HIS A 65 9.35 -0.37 -28.49
CA HIS A 65 10.26 0.67 -27.96
C HIS A 65 10.70 1.64 -29.04
N THR A 66 11.08 1.13 -30.22
CA THR A 66 11.52 1.94 -31.36
C THR A 66 10.47 2.92 -31.87
N LEU A 67 9.25 2.41 -32.09
CA LEU A 67 8.11 3.27 -32.44
C LEU A 67 7.74 4.28 -31.34
N PHE A 68 7.86 3.89 -30.07
CA PHE A 68 7.50 4.73 -28.94
C PHE A 68 8.46 5.91 -28.79
N GLY A 69 9.75 5.63 -28.68
CA GLY A 69 10.79 6.65 -28.79
C GLY A 69 10.70 7.57 -30.02
N ASP A 70 10.34 7.03 -31.18
CA ASP A 70 10.20 7.89 -32.37
C ASP A 70 9.12 8.93 -32.15
N LYS A 71 7.93 8.48 -31.76
CA LYS A 71 6.78 9.38 -31.55
C LYS A 71 7.06 10.38 -30.42
N LEU A 72 7.87 9.98 -29.44
CA LEU A 72 8.30 10.88 -28.38
C LEU A 72 9.15 12.01 -28.98
N CYS A 73 10.10 11.64 -29.86
CA CYS A 73 11.03 12.60 -30.49
C CYS A 73 10.43 13.51 -31.55
N THR A 74 9.22 13.22 -32.04
CA THR A 74 8.53 14.13 -32.99
C THR A 74 7.99 15.38 -32.29
N VAL A 75 7.75 15.31 -30.99
CA VAL A 75 7.26 16.49 -30.25
C VAL A 75 8.31 17.60 -30.34
N ALA A 76 7.87 18.78 -30.76
CA ALA A 76 8.77 19.91 -31.06
C ALA A 76 9.03 20.77 -29.82
N THR A 77 8.02 20.95 -28.98
CA THR A 77 8.21 21.58 -27.67
C THR A 77 9.19 20.81 -26.77
N LEU A 78 9.67 19.64 -27.22
CA LEU A 78 10.50 18.74 -26.40
C LEU A 78 11.77 19.38 -25.84
N ARG A 79 12.63 19.99 -26.68
CA ARG A 79 13.86 20.66 -26.19
C ARG A 79 13.56 21.82 -25.21
N GLU A 80 12.69 22.73 -25.63
CA GLU A 80 12.34 23.92 -24.83
C GLU A 80 11.78 23.60 -23.45
N THR A 81 11.12 22.45 -23.31
CA THR A 81 10.38 22.08 -22.10
C THR A 81 11.16 21.15 -21.19
N TYR A 82 11.52 19.98 -21.72
CA TYR A 82 12.15 18.91 -20.91
C TYR A 82 13.67 19.00 -20.91
N GLY A 83 14.26 19.56 -21.97
CA GLY A 83 15.71 19.75 -22.06
C GLY A 83 16.42 18.41 -22.18
N GLU A 84 17.08 18.01 -21.09
CA GLU A 84 17.88 16.77 -21.06
C GLU A 84 17.24 15.54 -21.66
N MET A 85 15.91 15.42 -21.52
CA MET A 85 15.15 14.36 -22.20
C MET A 85 15.34 14.41 -23.73
N ALA A 86 15.29 15.61 -24.31
CA ALA A 86 15.56 15.84 -25.74
C ALA A 86 16.89 15.28 -26.22
N ASP A 87 17.92 15.36 -25.37
CA ASP A 87 19.25 14.81 -25.71
C ASP A 87 19.25 13.29 -25.92
N CYS A 88 18.30 12.58 -25.29
CA CYS A 88 18.07 11.13 -25.55
C CYS A 88 17.82 10.85 -27.04
N CYS A 89 17.06 11.73 -27.69
CA CYS A 89 16.72 11.55 -29.09
C CYS A 89 17.90 11.36 -30.03
N ALA A 90 19.06 11.88 -29.67
CA ALA A 90 20.28 11.68 -30.43
C ALA A 90 20.73 10.21 -30.51
N LYS A 91 20.39 9.40 -29.50
CA LYS A 91 20.87 8.00 -29.42
C LYS A 91 20.10 7.00 -30.32
N GLN A 92 20.69 5.82 -30.51
CA GLN A 92 20.05 4.69 -31.19
C GLN A 92 19.42 3.79 -30.12
N GLU A 93 18.44 2.98 -30.52
CA GLU A 93 17.36 2.55 -29.60
C GLU A 93 17.72 1.84 -28.30
N PRO A 94 18.56 0.78 -28.32
CA PRO A 94 18.79 0.12 -27.00
C PRO A 94 19.27 1.11 -25.89
N GLU A 95 20.19 2.01 -26.25
CA GLU A 95 20.66 3.12 -25.38
C GLU A 95 19.56 4.18 -25.14
N ARG A 96 18.84 4.54 -26.20
CA ARG A 96 17.77 5.55 -26.14
C ARG A 96 16.62 5.24 -25.16
N ASN A 97 16.19 3.97 -25.07
CA ASN A 97 15.11 3.57 -24.15
C ASN A 97 15.54 3.75 -22.72
N GLU A 98 16.73 3.26 -22.41
CA GLU A 98 17.36 3.45 -21.10
C GLU A 98 17.44 4.96 -20.70
N CYS A 99 17.69 5.83 -21.69
CA CYS A 99 17.75 7.28 -21.45
C CYS A 99 16.40 7.91 -21.05
N PHE A 100 15.32 7.56 -21.75
CA PHE A 100 13.98 8.00 -21.33
C PHE A 100 13.58 7.49 -19.92
N LEU A 101 14.06 6.31 -19.50
CA LEU A 101 13.84 5.82 -18.14
C LEU A 101 14.61 6.58 -17.06
N GLN A 102 15.87 6.94 -17.32
CA GLN A 102 16.65 7.78 -16.39
C GLN A 102 16.02 9.15 -16.08
N HIS A 103 15.30 9.74 -17.04
CA HIS A 103 14.70 11.08 -16.87
C HIS A 103 13.18 11.02 -16.64
N LYS A 104 12.74 10.08 -15.81
CA LYS A 104 11.32 9.96 -15.43
C LYS A 104 11.23 10.44 -13.98
N ASP A 105 10.59 11.60 -13.80
CA ASP A 105 10.52 12.29 -12.53
C ASP A 105 9.28 11.86 -11.79
N ASP A 106 9.44 11.20 -10.64
CA ASP A 106 8.30 10.92 -9.75
C ASP A 106 7.95 12.24 -9.04
N ASN A 107 6.66 12.54 -8.98
CA ASN A 107 6.15 13.78 -8.37
C ASN A 107 6.88 15.05 -8.83
N PRO A 108 6.44 15.64 -9.96
CA PRO A 108 6.83 17.01 -10.31
C PRO A 108 6.04 18.05 -9.50
N ASN A 109 6.34 19.33 -9.73
CA ASN A 109 5.60 20.42 -9.10
C ASN A 109 4.24 20.57 -9.79
N LEU A 110 3.31 19.68 -9.42
CA LEU A 110 1.96 19.65 -10.00
C LEU A 110 0.95 19.89 -8.88
N PRO A 111 -0.04 20.77 -9.12
CA PRO A 111 -1.02 21.12 -8.07
C PRO A 111 -1.90 19.96 -7.70
N ARG A 112 -2.44 19.95 -6.47
CA ARG A 112 -3.33 18.87 -6.03
C ARG A 112 -4.57 18.88 -6.91
N LEU A 113 -5.02 17.69 -7.31
CA LEU A 113 -6.25 17.56 -8.09
C LEU A 113 -7.46 17.87 -7.20
N VAL A 114 -8.15 18.98 -7.49
CA VAL A 114 -9.37 19.31 -6.76
C VAL A 114 -10.49 18.40 -7.20
N ARG A 115 -11.19 17.79 -6.24
CA ARG A 115 -12.47 17.15 -6.52
C ARG A 115 -13.54 18.25 -6.71
N PRO A 116 -14.28 18.24 -7.84
CA PRO A 116 -15.37 19.21 -7.97
C PRO A 116 -16.60 18.79 -7.20
N GLU A 117 -17.59 19.67 -7.16
CA GLU A 117 -18.89 19.35 -6.59
C GLU A 117 -19.50 18.18 -7.36
N VAL A 118 -20.19 17.30 -6.65
CA VAL A 118 -20.78 16.11 -7.28
C VAL A 118 -21.62 16.47 -8.52
N ASP A 119 -22.38 17.56 -8.42
CA ASP A 119 -23.25 18.03 -9.52
C ASP A 119 -22.45 18.32 -10.80
N VAL A 120 -21.26 18.92 -10.65
CA VAL A 120 -20.38 19.30 -11.78
C VAL A 120 -19.91 18.06 -12.55
N MET A 121 -19.49 17.05 -11.79
CA MET A 121 -18.99 15.80 -12.32
C MET A 121 -20.05 15.01 -13.08
N CYS A 122 -21.24 14.87 -12.49
CA CYS A 122 -22.32 14.11 -13.12
C CYS A 122 -22.79 14.74 -14.41
N THR A 123 -22.91 16.06 -14.42
CA THR A 123 -23.24 16.75 -15.66
C THR A 123 -22.14 16.54 -16.70
N ALA A 124 -20.87 16.59 -16.27
CA ALA A 124 -19.73 16.36 -17.16
C ALA A 124 -19.73 14.93 -17.73
N PHE A 125 -19.88 13.96 -16.83
CA PHE A 125 -20.01 12.55 -17.18
C PHE A 125 -21.06 12.28 -18.24
N HIS A 126 -22.24 12.84 -18.04
CA HIS A 126 -23.32 12.69 -18.98
C HIS A 126 -23.01 13.33 -20.34
N ASP A 127 -22.40 14.53 -20.34
CA ASP A 127 -22.29 15.36 -21.56
C ASP A 127 -21.18 14.96 -22.50
N ASN A 128 -20.10 14.38 -21.97
CA ASN A 128 -19.12 13.72 -22.81
C ASN A 128 -18.35 12.71 -21.96
N GLU A 129 -18.90 11.51 -21.89
CA GLU A 129 -18.37 10.46 -21.02
C GLU A 129 -16.88 10.15 -21.24
N GLU A 130 -16.45 10.13 -22.50
CA GLU A 130 -15.09 9.69 -22.82
C GLU A 130 -14.08 10.72 -22.39
N THR A 131 -14.19 11.93 -22.93
CA THR A 131 -13.18 12.98 -22.71
C THR A 131 -13.13 13.44 -21.26
N PHE A 132 -14.23 13.25 -20.53
CA PHE A 132 -14.22 13.42 -19.07
C PHE A 132 -13.28 12.40 -18.42
N LEU A 133 -13.44 11.13 -18.79
CA LEU A 133 -12.62 10.04 -18.22
C LEU A 133 -11.15 10.01 -18.62
N LYS A 134 -10.82 10.25 -19.89
CA LYS A 134 -9.43 10.20 -20.31
C LYS A 134 -8.70 11.38 -19.73
N LYS A 135 -9.35 12.55 -19.67
CA LYS A 135 -8.73 13.73 -19.07
C LYS A 135 -8.35 13.45 -17.63
N TYR A 136 -9.19 12.72 -16.90
CA TYR A 136 -8.85 12.40 -15.50
C TYR A 136 -7.85 11.26 -15.41
N LEU A 137 -7.92 10.33 -16.36
CA LEU A 137 -6.88 9.29 -16.49
C LEU A 137 -5.53 9.90 -16.81
N TYR A 138 -5.50 10.97 -17.61
CA TYR A 138 -4.25 11.68 -17.94
C TYR A 138 -3.67 12.41 -16.74
N GLU A 139 -4.51 12.93 -15.85
CA GLU A 139 -4.06 13.62 -14.64
C GLU A 139 -3.42 12.67 -13.64
N ILE A 140 -4.06 11.53 -13.39
CA ILE A 140 -3.53 10.57 -12.42
C ILE A 140 -2.22 10.06 -13.00
N ALA A 141 -2.24 9.71 -14.27
CA ALA A 141 -1.09 9.15 -14.96
C ALA A 141 0.16 10.03 -14.95
N ARG A 142 0.02 11.34 -15.15
CA ARG A 142 1.18 12.23 -15.04
C ARG A 142 1.73 12.38 -13.61
N ARG A 143 0.87 12.27 -12.59
CA ARG A 143 1.31 12.42 -11.19
C ARG A 143 1.92 11.16 -10.54
N HIS A 144 1.50 9.98 -10.99
CA HIS A 144 1.97 8.70 -10.46
C HIS A 144 2.58 7.91 -11.63
N PRO A 145 3.76 8.37 -12.14
CA PRO A 145 4.32 7.88 -13.40
C PRO A 145 5.05 6.56 -13.32
N TYR A 146 5.18 6.00 -12.11
CA TYR A 146 5.70 4.66 -11.89
C TYR A 146 4.58 3.71 -11.42
N PHE A 147 3.33 4.11 -11.56
CA PHE A 147 2.19 3.24 -11.23
C PHE A 147 1.94 2.33 -12.45
N TYR A 148 2.31 1.07 -12.34
CA TYR A 148 2.05 0.06 -13.36
C TYR A 148 0.73 0.33 -14.11
N ALA A 149 0.82 0.46 -15.44
CA ALA A 149 -0.30 1.00 -16.22
C ALA A 149 -1.58 0.16 -16.23
N PRO A 150 -1.51 -1.14 -16.47
CA PRO A 150 -2.76 -1.91 -16.43
C PRO A 150 -3.57 -1.84 -15.13
N GLU A 151 -2.90 -1.72 -13.97
CA GLU A 151 -3.60 -1.57 -12.68
C GLU A 151 -4.31 -0.20 -12.61
N LEU A 152 -3.69 0.79 -13.21
CA LEU A 152 -4.24 2.13 -13.27
C LEU A 152 -5.46 2.17 -14.13
N LEU A 153 -5.45 1.32 -15.16
CA LEU A 153 -6.54 1.21 -16.09
C LEU A 153 -7.67 0.51 -15.35
N PHE A 154 -7.34 -0.56 -14.62
CA PHE A 154 -8.34 -1.30 -13.81
C PHE A 154 -9.11 -0.39 -12.84
N PHE A 155 -8.38 0.51 -12.17
CA PHE A 155 -9.03 1.52 -11.33
C PHE A 155 -9.96 2.41 -12.14
N ALA A 156 -9.54 2.80 -13.33
CA ALA A 156 -10.34 3.66 -14.21
C ALA A 156 -11.72 3.12 -14.49
N LYS A 157 -11.80 1.83 -14.73
CA LYS A 157 -13.06 1.19 -15.06
C LYS A 157 -13.98 1.14 -13.84
N ARG A 158 -13.41 1.21 -12.64
CA ARG A 158 -14.20 1.24 -11.41
C ARG A 158 -14.68 2.64 -11.05
N TYR A 159 -13.99 3.68 -11.51
CA TYR A 159 -14.49 5.04 -11.42
C TYR A 159 -15.70 5.15 -12.35
N LYS A 160 -15.53 4.70 -13.60
CA LYS A 160 -16.62 4.66 -14.58
C LYS A 160 -17.84 3.91 -14.08
N ALA A 161 -17.62 2.83 -13.34
CA ALA A 161 -18.71 2.04 -12.76
C ALA A 161 -19.40 2.76 -11.60
N ALA A 162 -18.66 3.60 -10.87
CA ALA A 162 -19.22 4.40 -9.78
C ALA A 162 -20.12 5.55 -10.25
N PHE A 163 -19.77 6.17 -11.37
CA PHE A 163 -20.58 7.26 -11.93
C PHE A 163 -21.85 6.73 -12.61
N THR A 164 -21.75 5.60 -13.32
CA THR A 164 -22.91 5.03 -14.00
C THR A 164 -24.02 4.74 -12.99
N GLU A 165 -23.63 4.25 -11.81
CA GLU A 165 -24.57 3.96 -10.72
C GLU A 165 -25.11 5.24 -10.06
N CYS A 166 -24.22 6.15 -9.64
CA CYS A 166 -24.60 7.22 -8.68
C CYS A 166 -25.12 8.53 -9.27
N CYS A 167 -24.96 8.75 -10.58
CA CYS A 167 -25.55 9.94 -11.23
C CYS A 167 -27.03 9.75 -11.57
N GLN A 168 -27.49 8.51 -11.64
CA GLN A 168 -28.92 8.18 -11.81
C GLN A 168 -29.52 7.76 -10.46
N ALA A 169 -29.17 8.48 -9.38
CA ALA A 169 -29.50 8.04 -8.00
C ALA A 169 -30.34 9.03 -7.21
N ALA A 170 -30.80 8.59 -6.04
CA ALA A 170 -31.66 9.39 -5.16
C ALA A 170 -30.92 10.61 -4.60
N ASP A 171 -29.82 10.36 -3.89
CA ASP A 171 -28.97 11.42 -3.36
C ASP A 171 -27.52 11.14 -3.80
N LYS A 172 -27.00 11.99 -4.68
CA LYS A 172 -25.75 11.70 -5.38
C LYS A 172 -24.55 11.65 -4.44
N ALA A 173 -24.35 12.70 -3.66
CA ALA A 173 -23.21 12.77 -2.74
C ALA A 173 -23.11 11.58 -1.76
N ALA A 174 -24.23 11.17 -1.18
CA ALA A 174 -24.26 10.06 -0.23
C ALA A 174 -24.04 8.69 -0.90
N CYS A 175 -24.37 8.59 -2.19
CA CYS A 175 -24.00 7.42 -2.99
C CYS A 175 -22.51 7.48 -3.33
N LEU A 176 -22.11 8.58 -3.96
CA LEU A 176 -20.88 8.67 -4.74
C LEU A 176 -19.62 8.93 -3.91
N LEU A 177 -19.67 9.87 -2.97
CA LEU A 177 -18.45 10.23 -2.22
C LEU A 177 -17.81 9.08 -1.43
N PRO A 178 -18.62 8.18 -0.85
CA PRO A 178 -18.04 6.94 -0.26
C PRO A 178 -17.38 5.99 -1.27
N LYS A 179 -18.01 5.77 -2.43
CA LYS A 179 -17.40 4.98 -3.52
C LYS A 179 -16.05 5.56 -3.90
N LEU A 180 -16.04 6.86 -4.11
CA LEU A 180 -14.82 7.61 -4.44
C LEU A 180 -13.76 7.62 -3.31
N ASP A 181 -14.19 7.61 -2.05
CA ASP A 181 -13.27 7.53 -0.88
C ASP A 181 -12.62 6.14 -0.77
N GLU A 182 -13.42 5.10 -0.94
CA GLU A 182 -12.95 3.71 -0.92
C GLU A 182 -11.93 3.49 -2.05
N LEU A 183 -12.24 4.04 -3.24
CA LEU A 183 -11.33 3.99 -4.39
C LEU A 183 -10.04 4.79 -4.16
N ARG A 184 -10.17 6.02 -3.71
CA ARG A 184 -8.98 6.81 -3.39
C ARG A 184 -8.09 6.08 -2.41
N ASP A 185 -8.69 5.46 -1.39
CA ASP A 185 -7.92 4.71 -0.40
C ASP A 185 -7.14 3.59 -1.08
N GLU A 186 -7.80 2.82 -1.93
CA GLU A 186 -7.17 1.68 -2.60
C GLU A 186 -6.08 2.11 -3.61
N GLY A 187 -6.37 3.12 -4.42
CA GLY A 187 -5.34 3.78 -5.23
C GLY A 187 -4.10 4.27 -4.45
N LYS A 188 -4.31 4.80 -3.25
CA LYS A 188 -3.20 5.20 -2.38
C LYS A 188 -2.53 3.98 -1.71
N ALA A 189 -3.32 2.96 -1.38
CA ALA A 189 -2.80 1.73 -0.77
C ALA A 189 -1.98 0.94 -1.78
N SER A 190 -2.55 0.75 -2.98
CA SER A 190 -1.86 0.10 -4.11
C SER A 190 -0.54 0.80 -4.53
N SER A 191 -0.55 2.13 -4.56
CA SER A 191 0.66 2.88 -4.91
C SER A 191 1.76 2.72 -3.86
N ALA A 192 1.37 2.50 -2.60
CA ALA A 192 2.33 2.34 -1.52
C ALA A 192 3.03 1.00 -1.58
N LYS A 193 2.27 -0.06 -1.87
CA LYS A 193 2.79 -1.44 -1.96
C LYS A 193 3.82 -1.63 -3.09
N GLN A 194 3.65 -0.93 -4.22
CA GLN A 194 4.59 -1.01 -5.36
C GLN A 194 5.90 -0.32 -4.98
N ARG A 195 5.77 0.89 -4.43
CA ARG A 195 6.86 1.62 -3.81
C ARG A 195 7.62 0.76 -2.80
N LEU A 196 6.85 0.09 -1.94
CA LEU A 196 7.40 -0.72 -0.84
C LEU A 196 8.04 -2.02 -1.29
N LYS A 197 7.45 -2.73 -2.26
CA LYS A 197 8.06 -3.96 -2.83
C LYS A 197 9.42 -3.61 -3.42
N CYS A 198 9.48 -2.49 -4.13
CA CYS A 198 10.73 -2.01 -4.72
C CYS A 198 11.77 -1.49 -3.74
N ALA A 199 11.36 -0.75 -2.70
CA ALA A 199 12.33 -0.28 -1.67
C ALA A 199 12.90 -1.44 -0.85
N SER A 200 12.04 -2.42 -0.55
CA SER A 200 12.44 -3.66 0.11
C SER A 200 13.52 -4.41 -0.66
N LEU A 201 13.25 -4.74 -1.93
CA LEU A 201 14.23 -5.45 -2.76
C LEU A 201 15.61 -4.77 -2.77
N GLN A 202 15.67 -3.44 -2.84
CA GLN A 202 16.95 -2.67 -2.90
C GLN A 202 17.67 -2.61 -1.54
N LYS A 203 16.97 -2.11 -0.52
CA LYS A 203 17.53 -1.90 0.84
C LYS A 203 17.81 -3.16 1.67
N PHE A 204 17.11 -4.28 1.41
CA PHE A 204 17.31 -5.55 2.15
C PHE A 204 17.83 -6.74 1.35
N GLY A 205 17.68 -6.74 0.03
CA GLY A 205 18.26 -7.79 -0.83
C GLY A 205 17.31 -8.81 -1.43
N GLU A 206 17.85 -9.55 -2.40
CA GLU A 206 17.17 -10.68 -3.07
C GLU A 206 16.73 -11.80 -2.10
N ARG A 207 17.52 -12.03 -1.05
CA ARG A 207 17.30 -13.12 -0.10
C ARG A 207 16.02 -12.96 0.77
N ALA A 208 15.87 -11.79 1.38
CA ALA A 208 14.68 -11.50 2.20
C ALA A 208 13.39 -11.30 1.38
N PHE A 209 13.56 -10.99 0.11
CA PHE A 209 12.43 -10.87 -0.80
C PHE A 209 11.87 -12.26 -1.12
N LYS A 210 12.77 -13.17 -1.50
CA LYS A 210 12.35 -14.54 -1.78
C LYS A 210 11.73 -15.17 -0.54
N ALA A 211 12.40 -15.06 0.62
CA ALA A 211 11.83 -15.47 1.91
C ALA A 211 10.39 -15.02 2.08
N TRP A 212 10.19 -13.70 1.95
CA TRP A 212 8.85 -13.09 1.98
C TRP A 212 7.90 -13.77 0.98
N ALA A 213 8.39 -14.04 -0.23
CA ALA A 213 7.58 -14.58 -1.31
C ALA A 213 7.21 -16.04 -1.10
N VAL A 214 8.18 -16.84 -0.66
CA VAL A 214 7.94 -18.23 -0.31
C VAL A 214 6.86 -18.33 0.78
N ALA A 215 7.02 -17.58 1.88
CA ALA A 215 6.04 -17.58 2.95
C ALA A 215 4.68 -17.29 2.38
N ARG A 216 4.61 -16.23 1.59
CA ARG A 216 3.38 -15.83 0.90
C ARG A 216 2.80 -16.90 -0.03
N LEU A 217 3.50 -17.30 -1.09
CA LEU A 217 2.93 -18.25 -2.06
C LEU A 217 2.51 -19.61 -1.49
N SER A 218 3.09 -19.99 -0.34
CA SER A 218 2.84 -21.26 0.33
C SER A 218 1.56 -21.22 1.19
N GLN A 219 1.30 -20.07 1.81
CA GLN A 219 -0.01 -19.79 2.41
C GLN A 219 -1.13 -19.89 1.39
N ARG A 220 -0.87 -19.49 0.15
CA ARG A 220 -1.93 -19.40 -0.86
C ARG A 220 -2.08 -20.60 -1.77
N PHE A 221 -1.01 -21.35 -2.00
CA PHE A 221 -1.08 -22.57 -2.78
C PHE A 221 -0.63 -23.77 -1.94
N PRO A 222 -1.35 -24.05 -0.82
CA PRO A 222 -0.87 -25.07 0.09
C PRO A 222 -0.78 -26.49 -0.46
N LYS A 223 -1.59 -26.86 -1.44
CA LYS A 223 -1.44 -28.19 -2.08
C LYS A 223 -0.25 -28.34 -3.08
N ALA A 224 0.45 -27.26 -3.41
CA ALA A 224 1.58 -27.35 -4.34
C ALA A 224 2.87 -27.81 -3.65
N GLU A 225 3.70 -28.54 -4.40
CA GLU A 225 5.01 -29.00 -3.93
C GLU A 225 6.01 -27.86 -3.89
N PHE A 226 7.07 -28.03 -3.10
CA PHE A 226 8.07 -26.98 -2.87
C PHE A 226 8.89 -26.60 -4.11
N ALA A 227 9.16 -27.60 -4.95
CA ALA A 227 9.83 -27.37 -6.24
C ALA A 227 9.04 -26.40 -7.09
N GLU A 228 7.71 -26.51 -7.04
CA GLU A 228 6.82 -25.62 -7.79
C GLU A 228 6.75 -24.23 -7.17
N VAL A 229 6.73 -24.14 -5.84
CA VAL A 229 6.80 -22.85 -5.15
C VAL A 229 8.12 -22.17 -5.50
N SER A 230 9.23 -22.91 -5.45
CA SER A 230 10.56 -22.35 -5.86
C SER A 230 10.49 -21.70 -7.23
N LYS A 231 9.96 -22.45 -8.18
CA LYS A 231 9.91 -22.01 -9.58
C LYS A 231 9.15 -20.68 -9.69
N LEU A 232 8.03 -20.56 -8.96
CA LEU A 232 7.25 -19.34 -8.95
C LEU A 232 7.96 -18.18 -8.28
N VAL A 233 8.72 -18.44 -7.22
CA VAL A 233 9.43 -17.37 -6.49
C VAL A 233 10.62 -16.88 -7.30
N THR A 234 11.22 -17.76 -8.11
CA THR A 234 12.30 -17.35 -9.01
C THR A 234 11.74 -16.33 -9.99
N ASP A 235 10.64 -16.70 -10.63
CA ASP A 235 10.09 -15.89 -11.71
C ASP A 235 9.45 -14.58 -11.23
N LEU A 236 8.79 -14.62 -10.08
CA LEU A 236 8.35 -13.42 -9.37
C LEU A 236 9.50 -12.47 -8.97
N THR A 237 10.62 -13.03 -8.56
CA THR A 237 11.77 -12.18 -8.22
C THR A 237 12.28 -11.46 -9.47
N LYS A 238 12.36 -12.16 -10.61
CA LYS A 238 12.67 -11.49 -11.88
C LYS A 238 11.61 -10.43 -12.19
N VAL A 239 10.32 -10.80 -12.11
CA VAL A 239 9.22 -9.86 -12.37
C VAL A 239 9.43 -8.53 -11.62
N HIS A 240 9.81 -8.56 -10.35
CA HIS A 240 9.92 -7.32 -9.58
C HIS A 240 11.20 -6.56 -9.75
N THR A 241 12.30 -7.25 -9.93
CA THR A 241 13.51 -6.62 -10.41
C THR A 241 13.17 -5.73 -11.60
N GLU A 242 12.52 -6.32 -12.62
CA GLU A 242 12.17 -5.65 -13.87
C GLU A 242 11.11 -4.54 -13.69
N CYS A 243 10.05 -4.83 -12.97
CA CYS A 243 8.96 -3.85 -12.82
C CYS A 243 9.35 -2.66 -11.96
N CYS A 244 10.36 -2.83 -11.12
CA CYS A 244 10.93 -1.74 -10.35
C CYS A 244 11.74 -0.84 -11.28
N HIS A 245 12.51 -1.44 -12.18
CA HIS A 245 13.38 -0.73 -13.12
C HIS A 245 12.63 0.31 -13.98
N GLY A 246 11.35 0.05 -14.26
CA GLY A 246 10.44 1.04 -14.85
C GLY A 246 10.02 0.79 -16.29
N ASP A 247 10.62 -0.18 -16.97
CA ASP A 247 10.25 -0.43 -18.36
C ASP A 247 8.84 -1.06 -18.40
N LEU A 248 7.82 -0.23 -18.65
CA LEU A 248 6.44 -0.69 -18.77
C LEU A 248 6.34 -1.92 -19.68
N LEU A 249 6.86 -1.85 -20.89
CA LEU A 249 6.64 -2.94 -21.86
C LEU A 249 7.31 -4.26 -21.51
N GLU A 250 8.47 -4.23 -20.86
CA GLU A 250 9.18 -5.47 -20.46
C GLU A 250 8.66 -6.01 -19.16
N CYS A 251 8.15 -5.12 -18.31
CA CYS A 251 7.46 -5.45 -17.05
C CYS A 251 6.17 -6.23 -17.31
N ALA A 252 5.41 -5.71 -18.28
CA ALA A 252 4.18 -6.35 -18.75
C ALA A 252 4.41 -7.68 -19.47
N ASP A 253 5.50 -7.81 -20.22
CA ASP A 253 5.82 -9.09 -20.88
C ASP A 253 6.02 -10.20 -19.85
N ASP A 254 6.67 -9.88 -18.73
CA ASP A 254 7.05 -10.87 -17.71
C ASP A 254 5.83 -11.39 -16.92
N ARG A 255 5.03 -10.48 -16.39
CA ARG A 255 3.81 -10.80 -15.68
C ARG A 255 2.85 -11.71 -16.48
N ALA A 256 2.76 -11.48 -17.78
CA ALA A 256 1.89 -12.26 -18.66
C ALA A 256 2.43 -13.62 -18.91
N ASP A 257 3.75 -13.74 -18.97
CA ASP A 257 4.41 -15.06 -19.07
C ASP A 257 4.11 -15.85 -17.84
N LEU A 258 4.17 -15.17 -16.70
CA LEU A 258 3.88 -15.79 -15.43
C LEU A 258 2.42 -16.26 -15.36
N ALA A 259 1.48 -15.44 -15.81
CA ALA A 259 0.08 -15.82 -15.79
C ALA A 259 -0.24 -16.93 -16.78
N LYS A 260 0.43 -16.93 -17.94
CA LYS A 260 0.26 -18.01 -18.92
C LYS A 260 0.75 -19.31 -18.28
N TYR A 261 1.93 -19.26 -17.67
CA TYR A 261 2.46 -20.43 -16.99
C TYR A 261 1.48 -20.96 -15.93
N ILE A 262 1.13 -20.11 -14.97
CA ILE A 262 0.33 -20.51 -13.83
C ILE A 262 -1.01 -21.13 -14.26
N CYS A 263 -1.58 -20.66 -15.36
CA CYS A 263 -2.85 -21.21 -15.84
C CYS A 263 -2.75 -22.57 -16.53
N GLU A 264 -1.59 -22.89 -17.10
CA GLU A 264 -1.36 -24.19 -17.73
C GLU A 264 -1.09 -25.25 -16.68
N ASN A 265 -0.17 -24.99 -15.75
CA ASN A 265 0.07 -25.88 -14.59
C ASN A 265 -0.90 -25.66 -13.43
N GLN A 266 -2.14 -25.29 -13.72
CA GLN A 266 -3.14 -24.99 -12.70
C GLN A 266 -3.35 -26.20 -11.77
N ASP A 267 -3.61 -27.35 -12.41
CA ASP A 267 -3.72 -28.66 -11.74
C ASP A 267 -2.78 -28.83 -10.56
N SER A 268 -1.50 -28.49 -10.75
CA SER A 268 -0.43 -28.69 -9.76
C SER A 268 -0.06 -27.43 -8.94
N ILE A 269 -0.96 -26.44 -8.90
CA ILE A 269 -0.78 -25.22 -8.11
C ILE A 269 -1.96 -24.95 -7.19
N SER A 270 -3.17 -24.83 -7.75
CA SER A 270 -4.33 -24.41 -6.93
C SER A 270 -5.66 -24.70 -7.59
N SER A 271 -6.61 -25.15 -6.78
CA SER A 271 -7.96 -25.38 -7.26
C SER A 271 -8.74 -24.08 -7.50
N LYS A 272 -8.40 -22.99 -6.80
CA LYS A 272 -9.24 -21.76 -6.81
C LYS A 272 -8.90 -20.73 -7.90
N LEU A 273 -8.43 -21.23 -9.05
CA LEU A 273 -7.85 -20.41 -10.09
C LEU A 273 -8.57 -20.52 -11.43
N LYS A 274 -9.70 -21.25 -11.46
CA LYS A 274 -10.42 -21.53 -12.73
C LYS A 274 -10.89 -20.23 -13.35
N GLU A 275 -11.42 -19.33 -12.50
CA GLU A 275 -11.99 -18.05 -12.92
C GLU A 275 -10.94 -17.12 -13.54
N CYS A 276 -9.89 -16.83 -12.76
CA CYS A 276 -8.77 -15.98 -13.19
C CYS A 276 -8.16 -16.39 -14.53
N CYS A 277 -8.20 -17.67 -14.88
CA CYS A 277 -7.60 -18.15 -16.13
C CYS A 277 -8.53 -18.08 -17.38
N GLU A 278 -9.83 -17.94 -17.13
CA GLU A 278 -10.80 -17.62 -18.19
C GLU A 278 -10.78 -16.14 -18.60
N LYS A 279 -10.14 -15.29 -17.80
CA LYS A 279 -10.13 -13.83 -18.03
C LYS A 279 -9.12 -13.43 -19.10
N PRO A 280 -9.38 -12.29 -19.78
CA PRO A 280 -8.56 -11.93 -20.95
C PRO A 280 -7.18 -11.43 -20.55
N LEU A 281 -6.25 -11.44 -21.52
CA LEU A 281 -4.82 -11.18 -21.30
C LEU A 281 -4.47 -10.12 -20.23
N LEU A 282 -5.13 -8.98 -20.34
CA LEU A 282 -4.91 -7.82 -19.49
C LEU A 282 -5.09 -8.09 -18.00
N GLU A 283 -6.25 -8.64 -17.63
CA GLU A 283 -6.63 -8.87 -16.25
C GLU A 283 -5.98 -10.08 -15.55
N LYS A 284 -5.44 -11.04 -16.32
CA LYS A 284 -5.07 -12.35 -15.76
C LYS A 284 -4.21 -12.22 -14.52
N SER A 285 -3.01 -11.67 -14.69
CA SER A 285 -2.05 -11.51 -13.59
C SER A 285 -2.62 -10.75 -12.39
N HIS A 286 -3.32 -9.67 -12.68
CA HIS A 286 -3.94 -8.85 -11.63
C HIS A 286 -4.91 -9.69 -10.80
N CYS A 287 -5.74 -10.48 -11.49
CA CYS A 287 -6.67 -11.41 -10.84
C CYS A 287 -5.96 -12.49 -10.00
N ILE A 288 -4.96 -13.15 -10.56
CA ILE A 288 -4.24 -14.20 -9.83
C ILE A 288 -3.64 -13.63 -8.52
N ALA A 289 -3.11 -12.41 -8.57
CA ALA A 289 -2.54 -11.78 -7.38
C ALA A 289 -3.57 -11.61 -6.26
N GLU A 290 -4.85 -11.56 -6.62
CA GLU A 290 -5.97 -11.38 -5.66
C GLU A 290 -6.65 -12.70 -5.25
N VAL A 291 -6.09 -13.84 -5.65
CA VAL A 291 -6.76 -15.11 -5.51
C VAL A 291 -6.76 -15.51 -4.04
N GLU A 292 -7.84 -16.19 -3.65
CA GLU A 292 -8.07 -16.66 -2.29
C GLU A 292 -7.07 -17.80 -1.92
N ASN A 293 -6.89 -18.06 -0.62
CA ASN A 293 -6.18 -19.27 -0.17
C ASN A 293 -6.94 -20.52 -0.64
N ASP A 294 -6.19 -21.51 -1.15
CA ASP A 294 -6.73 -22.85 -1.31
C ASP A 294 -6.79 -23.47 0.08
N GLU A 295 -7.75 -24.35 0.31
CA GLU A 295 -7.81 -25.07 1.58
C GLU A 295 -6.62 -26.03 1.64
N MET A 296 -5.99 -26.12 2.82
CA MET A 296 -4.89 -27.07 3.03
C MET A 296 -5.41 -28.52 3.05
N PRO A 297 -4.56 -29.51 2.67
CA PRO A 297 -4.92 -30.93 2.83
C PRO A 297 -5.25 -31.29 4.29
N ALA A 298 -6.30 -32.08 4.47
CA ALA A 298 -6.94 -32.29 5.79
C ALA A 298 -6.00 -32.59 6.99
N ASP A 299 -5.40 -33.79 7.01
CA ASP A 299 -4.49 -34.21 8.11
C ASP A 299 -3.03 -34.16 7.63
N LEU A 300 -2.30 -33.14 8.09
CA LEU A 300 -0.91 -32.85 7.66
C LEU A 300 0.02 -33.05 8.86
N PRO A 301 1.07 -33.89 8.70
CA PRO A 301 2.01 -34.18 9.80
C PRO A 301 2.62 -32.95 10.50
N SER A 302 2.84 -33.05 11.81
CA SER A 302 3.64 -32.09 12.55
C SER A 302 5.06 -32.12 12.02
N LEU A 303 5.74 -30.98 12.15
CA LEU A 303 7.04 -30.73 11.52
C LEU A 303 8.24 -31.19 12.30
N ALA A 304 8.09 -31.43 13.61
CA ALA A 304 9.22 -31.90 14.43
C ALA A 304 9.91 -33.21 13.93
N ALA A 305 9.16 -34.08 13.26
CA ALA A 305 9.70 -35.34 12.71
C ALA A 305 10.85 -35.17 11.70
N ASP A 306 10.84 -34.07 10.95
CA ASP A 306 11.88 -33.78 9.95
C ASP A 306 12.80 -32.58 10.25
N PHE A 307 12.29 -31.57 10.97
CA PHE A 307 13.10 -30.37 11.28
C PHE A 307 13.61 -30.29 12.70
N VAL A 308 13.20 -31.22 13.59
CA VAL A 308 13.63 -31.20 15.00
C VAL A 308 14.19 -32.52 15.55
N GLU A 309 13.54 -33.64 15.27
CA GLU A 309 13.95 -34.96 15.82
C GLU A 309 14.97 -35.69 14.96
N SER A 310 14.60 -35.95 13.69
CA SER A 310 15.44 -36.67 12.72
C SER A 310 16.92 -36.26 12.75
N LYS A 311 17.82 -37.25 12.71
CA LYS A 311 19.24 -37.00 12.48
C LYS A 311 19.38 -36.70 10.99
N ASP A 312 20.56 -36.24 10.58
CA ASP A 312 20.74 -35.70 9.23
C ASP A 312 19.91 -34.40 9.05
N VAL A 313 19.78 -33.61 10.11
CA VAL A 313 19.18 -32.28 10.06
C VAL A 313 20.32 -31.34 9.70
N CYS A 314 21.40 -31.32 10.48
CA CYS A 314 22.60 -30.60 10.11
C CYS A 314 23.16 -31.05 8.73
N LYS A 315 23.21 -32.36 8.48
CA LYS A 315 23.70 -32.86 7.18
C LYS A 315 22.79 -32.41 6.05
N ASN A 316 21.52 -32.12 6.36
CA ASN A 316 20.60 -31.45 5.39
C ASN A 316 20.69 -29.93 5.36
N TYR A 317 20.91 -29.32 6.52
CA TYR A 317 21.13 -27.88 6.58
C TYR A 317 22.37 -27.46 5.83
N ALA A 318 23.50 -28.11 6.11
CA ALA A 318 24.81 -27.66 5.58
C ALA A 318 24.92 -27.79 4.07
N GLU A 319 24.33 -28.86 3.52
CA GLU A 319 24.30 -29.16 2.07
C GLU A 319 23.89 -27.96 1.23
N ALA A 320 22.78 -27.34 1.64
CA ALA A 320 22.33 -26.03 1.13
C ALA A 320 21.43 -25.37 2.17
N LYS A 321 21.98 -24.38 2.86
CA LYS A 321 21.34 -23.76 3.99
C LYS A 321 20.03 -23.07 3.65
N ASP A 322 20.05 -22.23 2.62
CA ASP A 322 18.90 -21.41 2.28
C ASP A 322 17.77 -22.21 1.66
N VAL A 323 18.07 -23.24 0.88
CA VAL A 323 17.05 -24.18 0.41
C VAL A 323 16.39 -24.99 1.54
N PHE A 324 17.15 -25.34 2.57
CA PHE A 324 16.61 -26.11 3.69
C PHE A 324 15.70 -25.22 4.57
N LEU A 325 16.20 -24.04 4.95
CA LEU A 325 15.36 -22.99 5.55
C LEU A 325 14.11 -22.64 4.66
N GLY A 326 14.27 -22.69 3.34
CA GLY A 326 13.14 -22.57 2.43
C GLY A 326 12.16 -23.72 2.55
N MET A 327 12.68 -24.97 2.62
CA MET A 327 11.91 -26.23 2.84
C MET A 327 11.08 -25.86 4.09
N PHE A 328 11.74 -25.39 5.16
CA PHE A 328 11.11 -25.15 6.47
C PHE A 328 9.91 -24.21 6.41
N LEU A 329 10.20 -23.02 5.90
CA LEU A 329 9.27 -21.90 5.81
C LEU A 329 8.06 -22.26 4.96
N TYR A 330 8.28 -22.97 3.87
CA TYR A 330 7.17 -23.53 3.11
C TYR A 330 6.27 -24.41 3.99
N GLU A 331 6.86 -25.43 4.59
CA GLU A 331 6.14 -26.35 5.43
C GLU A 331 5.41 -25.63 6.56
N TYR A 332 6.09 -24.73 7.28
CA TYR A 332 5.44 -23.99 8.36
C TYR A 332 4.29 -23.14 7.85
N ALA A 333 4.55 -22.40 6.77
CA ALA A 333 3.59 -21.44 6.23
C ALA A 333 2.30 -22.08 5.75
N ARG A 334 2.40 -23.21 5.05
CA ARG A 334 1.20 -23.82 4.44
C ARG A 334 0.22 -24.43 5.45
N ARG A 335 0.72 -24.61 6.68
CA ARG A 335 -0.08 -25.00 7.79
C ARG A 335 -0.69 -23.84 8.52
N HIS A 336 -0.27 -22.61 8.22
CA HIS A 336 -0.65 -21.45 9.02
C HIS A 336 -0.95 -20.21 8.18
N PRO A 337 -2.10 -20.21 7.47
CA PRO A 337 -2.56 -18.97 6.82
C PRO A 337 -3.04 -17.87 7.79
N ASP A 338 -3.25 -18.22 9.05
CA ASP A 338 -3.62 -17.24 10.06
C ASP A 338 -2.45 -16.39 10.56
N TYR A 339 -1.24 -16.73 10.19
CA TYR A 339 -0.11 -15.95 10.60
C TYR A 339 0.20 -14.85 9.58
N SER A 340 0.77 -13.77 10.07
CA SER A 340 1.26 -12.73 9.18
C SER A 340 2.43 -13.33 8.40
N VAL A 341 2.70 -12.86 7.19
CA VAL A 341 3.93 -13.23 6.52
C VAL A 341 5.17 -12.95 7.39
N VAL A 342 5.24 -11.79 8.04
CA VAL A 342 6.44 -11.47 8.86
C VAL A 342 6.60 -12.33 10.11
N LEU A 343 5.50 -12.87 10.63
CA LEU A 343 5.56 -13.75 11.79
C LEU A 343 6.35 -14.96 11.34
N LEU A 344 5.89 -15.57 10.28
CA LEU A 344 6.55 -16.69 9.68
C LEU A 344 8.03 -16.44 9.40
N LEU A 345 8.43 -15.25 9.00
CA LEU A 345 9.89 -14.98 8.81
C LEU A 345 10.63 -14.74 10.11
N ARG A 346 9.92 -14.21 11.12
CA ARG A 346 10.46 -14.13 12.48
C ARG A 346 10.79 -15.54 13.00
N LEU A 347 9.92 -16.50 12.71
CA LEU A 347 10.09 -17.89 13.13
C LEU A 347 11.23 -18.54 12.38
N ALA A 348 11.22 -18.41 11.05
CA ALA A 348 12.28 -19.01 10.24
C ALA A 348 13.65 -18.43 10.58
N LYS A 349 13.74 -17.14 10.88
CA LYS A 349 15.00 -16.57 11.38
C LYS A 349 15.38 -17.17 12.73
N THR A 350 14.38 -17.51 13.58
CA THR A 350 14.65 -18.16 14.91
C THR A 350 15.26 -19.57 14.78
N TYR A 351 14.60 -20.42 13.99
CA TYR A 351 15.16 -21.72 13.62
C TYR A 351 16.57 -21.63 12.98
N GLU A 352 16.80 -20.65 12.11
CA GLU A 352 18.15 -20.36 11.55
C GLU A 352 19.19 -20.13 12.63
N THR A 353 18.95 -19.13 13.48
CA THR A 353 19.84 -18.80 14.60
C THR A 353 20.26 -20.02 15.47
N THR A 354 19.35 -20.98 15.67
CA THR A 354 19.71 -22.13 16.53
C THR A 354 20.53 -23.11 15.71
N LEU A 355 20.02 -23.58 14.58
CA LEU A 355 20.81 -24.46 13.75
C LEU A 355 22.24 -23.93 13.57
N GLU A 356 22.48 -22.62 13.62
CA GLU A 356 23.86 -22.08 13.61
C GLU A 356 24.65 -22.45 14.85
N LYS A 357 24.09 -22.22 16.03
CA LYS A 357 24.77 -22.57 17.29
C LYS A 357 24.92 -24.09 17.45
N CYS A 358 23.81 -24.81 17.31
CA CYS A 358 23.71 -26.24 17.61
C CYS A 358 24.29 -27.22 16.57
N CYS A 359 24.43 -26.82 15.31
CA CYS A 359 25.14 -27.66 14.32
C CYS A 359 26.66 -27.49 14.36
N ALA A 360 27.14 -26.38 14.95
CA ALA A 360 28.56 -26.21 15.26
C ALA A 360 28.94 -26.70 16.66
N ALA A 361 27.95 -27.22 17.42
CA ALA A 361 28.12 -27.59 18.83
C ALA A 361 28.39 -29.09 19.06
N ALA A 362 28.87 -29.38 20.28
CA ALA A 362 29.30 -30.71 20.70
C ALA A 362 28.25 -31.78 20.48
N ASP A 363 27.05 -31.53 21.00
CA ASP A 363 25.91 -32.41 20.78
C ASP A 363 24.83 -31.61 20.02
N PRO A 364 24.55 -31.99 18.75
CA PRO A 364 23.47 -31.33 18.02
C PRO A 364 22.07 -31.61 18.57
N HIS A 365 21.57 -32.84 18.41
CA HIS A 365 20.19 -33.21 18.74
C HIS A 365 19.68 -32.67 20.09
N GLU A 366 20.56 -32.62 21.08
CA GLU A 366 20.21 -32.08 22.41
C GLU A 366 20.05 -30.55 22.45
N CYS A 367 21.02 -29.84 21.89
CA CYS A 367 21.03 -28.36 21.91
C CYS A 367 19.76 -27.70 21.32
N TYR A 368 19.14 -28.34 20.33
CA TYR A 368 18.02 -27.77 19.59
C TYR A 368 16.71 -28.54 19.64
N ALA A 369 16.61 -29.55 20.51
CA ALA A 369 15.36 -30.34 20.63
C ALA A 369 14.13 -29.53 21.12
N LYS A 370 14.39 -28.40 21.78
CA LYS A 370 13.34 -27.51 22.26
C LYS A 370 13.34 -26.16 21.50
N VAL A 371 13.43 -26.21 20.18
CA VAL A 371 13.44 -24.98 19.36
C VAL A 371 12.02 -24.47 19.13
N PHE A 372 11.07 -25.39 19.02
CA PHE A 372 9.65 -25.07 18.87
C PHE A 372 9.08 -24.30 20.08
N ASP A 373 9.72 -24.44 21.24
CA ASP A 373 9.31 -23.68 22.43
C ASP A 373 9.57 -22.18 22.23
N GLU A 374 10.69 -21.82 21.60
CA GLU A 374 10.94 -20.39 21.21
C GLU A 374 9.82 -19.77 20.34
N PHE A 375 9.10 -20.60 19.60
CA PHE A 375 8.05 -20.11 18.72
C PHE A 375 6.88 -19.60 19.57
N LYS A 376 6.32 -20.50 20.37
CA LYS A 376 5.19 -20.23 21.27
C LYS A 376 5.03 -18.74 21.68
N PRO A 377 6.04 -18.12 22.35
CA PRO A 377 5.94 -16.69 22.71
C PRO A 377 5.91 -15.69 21.54
N LEU A 378 6.78 -15.91 20.55
CA LEU A 378 6.79 -15.09 19.34
C LEU A 378 5.42 -15.05 18.71
N VAL A 379 4.79 -16.21 18.55
CA VAL A 379 3.44 -16.30 18.03
C VAL A 379 2.46 -15.48 18.85
N GLU A 380 2.51 -15.58 20.17
CA GLU A 380 1.51 -14.91 21.01
C GLU A 380 1.56 -13.37 21.08
N GLU A 381 2.72 -12.75 20.83
CA GLU A 381 2.86 -11.26 20.77
C GLU A 381 1.86 -10.54 19.80
N PRO A 382 1.93 -10.82 18.47
CA PRO A 382 0.90 -10.25 17.59
C PRO A 382 -0.55 -10.74 17.86
N GLN A 383 -0.75 -11.99 18.27
CA GLN A 383 -2.09 -12.46 18.60
C GLN A 383 -2.66 -11.70 19.77
N ASN A 384 -1.84 -11.42 20.80
CA ASN A 384 -2.29 -10.66 22.01
C ASN A 384 -2.72 -9.21 21.73
N LEU A 385 -1.93 -8.51 20.93
CA LEU A 385 -2.25 -7.13 20.56
C LEU A 385 -3.52 -7.06 19.74
N ILE A 386 -3.75 -8.04 18.88
CA ILE A 386 -5.01 -8.10 18.12
C ILE A 386 -6.16 -8.47 19.07
N LYS A 387 -5.96 -9.42 19.98
CA LYS A 387 -6.98 -9.69 21.02
C LYS A 387 -7.33 -8.39 21.74
N GLN A 388 -6.31 -7.68 22.25
CA GLN A 388 -6.44 -6.48 23.09
C GLN A 388 -7.00 -5.23 22.38
N ASN A 389 -6.48 -4.92 21.20
CA ASN A 389 -6.89 -3.71 20.46
C ASN A 389 -8.26 -3.83 19.80
N CYS A 390 -8.65 -5.03 19.37
CA CYS A 390 -10.01 -5.25 18.87
C CYS A 390 -11.01 -5.44 20.03
N GLU A 391 -10.52 -5.63 21.25
CA GLU A 391 -11.37 -5.59 22.47
C GLU A 391 -11.72 -4.13 22.74
N LEU A 392 -10.70 -3.28 22.67
CA LEU A 392 -10.83 -1.86 22.93
C LEU A 392 -11.64 -1.15 21.85
N PHE A 393 -11.39 -1.47 20.58
CA PHE A 393 -12.21 -0.93 19.48
C PHE A 393 -13.70 -1.27 19.63
N GLU A 394 -14.01 -2.43 20.20
CA GLU A 394 -15.41 -2.84 20.39
C GLU A 394 -16.10 -2.07 21.52
N GLN A 395 -15.35 -1.70 22.57
CA GLN A 395 -15.91 -0.98 23.71
C GLN A 395 -16.26 0.45 23.32
N LEU A 396 -15.30 1.12 22.69
CA LEU A 396 -15.42 2.50 22.24
C LEU A 396 -15.79 2.36 20.78
N GLY A 397 -16.31 3.40 20.15
CA GLY A 397 -16.57 3.31 18.69
C GLY A 397 -15.29 3.33 17.86
N GLU A 398 -15.41 3.53 16.54
CA GLU A 398 -14.23 3.89 15.72
C GLU A 398 -13.60 5.19 16.20
N TYR A 399 -14.44 6.22 16.38
CA TYR A 399 -13.97 7.58 16.66
C TYR A 399 -13.34 7.74 18.06
N LYS A 400 -14.03 7.28 19.09
CA LYS A 400 -13.46 7.31 20.43
C LYS A 400 -12.17 6.44 20.53
N PHE A 401 -12.10 5.36 19.73
CA PHE A 401 -10.91 4.51 19.66
C PHE A 401 -9.73 5.27 19.08
N GLN A 402 -9.98 6.06 18.06
CA GLN A 402 -8.92 6.89 17.47
C GLN A 402 -8.32 7.84 18.54
N ASN A 403 -9.16 8.33 19.43
CA ASN A 403 -8.70 9.19 20.51
C ASN A 403 -7.89 8.49 21.59
N ALA A 404 -8.20 7.22 21.86
CA ALA A 404 -7.31 6.38 22.71
C ALA A 404 -5.90 6.25 22.12
N LEU A 405 -5.83 5.94 20.82
CA LEU A 405 -4.56 5.85 20.12
C LEU A 405 -3.77 7.19 20.09
N LEU A 406 -4.49 8.28 19.81
CA LEU A 406 -3.89 9.58 19.68
C LEU A 406 -3.22 10.00 21.00
N VAL A 407 -3.86 9.68 22.13
CA VAL A 407 -3.24 9.86 23.43
C VAL A 407 -2.06 8.90 23.63
N ARG A 408 -2.20 7.63 23.22
CA ARG A 408 -1.11 6.67 23.33
C ARG A 408 0.17 7.11 22.61
N TYR A 409 0.05 7.41 21.33
CA TYR A 409 1.20 7.68 20.50
C TYR A 409 1.81 9.07 20.73
N THR A 410 0.98 10.06 21.03
CA THR A 410 1.48 11.37 21.40
C THR A 410 2.38 11.32 22.62
N LYS A 411 2.03 10.48 23.59
CA LYS A 411 2.91 10.23 24.76
C LYS A 411 4.22 9.47 24.44
N LYS A 412 4.18 8.55 23.48
CA LYS A 412 5.38 7.78 23.09
C LYS A 412 6.35 8.63 22.28
N VAL A 413 5.84 9.45 21.38
CA VAL A 413 6.65 10.32 20.53
C VAL A 413 6.01 11.70 20.49
N PRO A 414 6.23 12.52 21.52
CA PRO A 414 5.62 13.87 21.54
C PRO A 414 6.23 14.91 20.63
N GLN A 415 7.38 14.60 20.02
CA GLN A 415 8.10 15.54 19.14
C GLN A 415 7.48 15.60 17.74
N VAL A 416 6.68 14.60 17.36
CA VAL A 416 6.04 14.54 16.05
C VAL A 416 5.01 15.67 15.92
N SER A 417 4.95 16.26 14.73
CA SER A 417 4.02 17.34 14.38
C SER A 417 2.57 16.92 14.55
N THR A 418 1.71 17.87 14.93
CA THR A 418 0.34 17.53 15.29
C THR A 418 -0.50 16.98 14.12
N PRO A 419 -0.43 17.62 12.93
CA PRO A 419 -1.21 17.03 11.84
C PRO A 419 -0.85 15.58 11.53
N THR A 420 0.39 15.20 11.82
CA THR A 420 0.88 13.86 11.52
C THR A 420 0.34 12.84 12.50
N LEU A 421 0.43 13.16 13.79
CA LEU A 421 -0.17 12.32 14.82
C LEU A 421 -1.67 12.10 14.61
N VAL A 422 -2.38 13.13 14.15
CA VAL A 422 -3.84 13.06 14.02
C VAL A 422 -4.22 12.11 12.88
N GLU A 423 -3.53 12.31 11.76
CA GLU A 423 -3.65 11.50 10.55
C GLU A 423 -3.40 9.99 10.75
N VAL A 424 -2.30 9.59 11.40
CA VAL A 424 -1.99 8.14 11.53
C VAL A 424 -2.88 7.43 12.56
N SER A 425 -3.21 8.15 13.64
CA SER A 425 -4.22 7.74 14.60
C SER A 425 -5.57 7.47 13.94
N ARG A 426 -5.98 8.33 13.03
CA ARG A 426 -7.23 8.15 12.30
C ARG A 426 -7.17 6.92 11.39
N ASN A 427 -6.04 6.69 10.72
CA ASN A 427 -5.89 5.52 9.84
C ASN A 427 -5.85 4.24 10.68
N LEU A 428 -4.98 4.18 11.68
CA LEU A 428 -5.00 3.04 12.57
C LEU A 428 -6.44 2.60 12.99
N GLY A 429 -7.31 3.56 13.25
CA GLY A 429 -8.69 3.29 13.64
C GLY A 429 -9.52 2.71 12.52
N LYS A 430 -9.27 3.20 11.29
CA LYS A 430 -9.88 2.65 10.08
C LYS A 430 -9.47 1.19 9.86
N VAL A 431 -8.18 0.90 10.00
CA VAL A 431 -7.65 -0.48 10.07
C VAL A 431 -8.40 -1.29 11.13
N GLY A 432 -8.62 -0.67 12.29
CA GLY A 432 -9.49 -1.24 13.30
C GLY A 432 -10.84 -1.69 12.77
N SER A 433 -11.57 -0.77 12.14
CA SER A 433 -12.82 -1.11 11.49
C SER A 433 -12.68 -2.30 10.51
N LYS A 434 -11.90 -2.16 9.42
CA LYS A 434 -11.83 -3.23 8.40
C LYS A 434 -11.34 -4.57 9.01
N CYS A 435 -10.39 -4.54 9.95
CA CYS A 435 -9.76 -5.80 10.40
C CYS A 435 -10.45 -6.49 11.56
N CYS A 436 -11.05 -5.74 12.47
CA CYS A 436 -11.74 -6.36 13.58
C CYS A 436 -13.07 -7.05 13.18
N LYS A 437 -13.59 -6.73 12.00
CA LYS A 437 -14.73 -7.46 11.44
C LYS A 437 -14.35 -8.88 10.94
N HIS A 438 -13.06 -9.14 10.71
CA HIS A 438 -12.61 -10.53 10.46
C HIS A 438 -12.51 -11.31 11.78
N PRO A 439 -12.74 -12.63 11.75
CA PRO A 439 -12.52 -13.48 12.93
C PRO A 439 -11.05 -13.76 13.14
N GLU A 440 -10.69 -14.32 14.31
CA GLU A 440 -9.27 -14.59 14.70
C GLU A 440 -8.45 -15.30 13.59
N ALA A 441 -9.06 -16.29 12.96
CA ALA A 441 -8.53 -16.93 11.74
C ALA A 441 -7.87 -16.00 10.72
N LYS A 442 -8.43 -14.80 10.49
CA LYS A 442 -7.94 -13.88 9.44
C LYS A 442 -7.38 -12.52 9.90
N ARG A 443 -7.31 -12.27 11.20
CA ARG A 443 -7.00 -10.92 11.67
C ARG A 443 -5.56 -10.47 11.46
N MET A 444 -4.60 -11.37 11.64
CA MET A 444 -3.21 -11.00 11.64
C MET A 444 -2.68 -10.66 10.24
N PRO A 445 -3.10 -11.41 9.21
CA PRO A 445 -2.80 -11.02 7.83
C PRO A 445 -3.48 -9.74 7.40
N CYS A 446 -4.65 -9.44 7.96
CA CYS A 446 -5.31 -8.19 7.65
C CYS A 446 -4.47 -7.01 8.12
N ALA A 447 -4.06 -7.06 9.39
CA ALA A 447 -3.23 -6.04 9.98
C ALA A 447 -1.90 -5.91 9.26
N GLU A 448 -1.26 -7.03 8.95
CA GLU A 448 0.01 -6.97 8.26
C GLU A 448 -0.11 -6.11 7.02
N ASP A 449 -1.14 -6.36 6.22
CA ASP A 449 -1.38 -5.60 4.99
C ASP A 449 -1.46 -4.11 5.30
N TYR A 450 -2.48 -3.72 6.07
CA TYR A 450 -2.70 -2.29 6.38
C TYR A 450 -1.58 -1.63 7.21
N LEU A 451 -1.04 -2.31 8.21
CA LEU A 451 0.04 -1.70 8.99
C LEU A 451 1.29 -1.45 8.15
N SER A 452 1.60 -2.34 7.20
CA SER A 452 2.83 -2.18 6.44
C SER A 452 2.85 -0.91 5.60
N VAL A 453 1.70 -0.57 5.01
CA VAL A 453 1.59 0.65 4.20
C VAL A 453 1.33 1.90 5.02
N VAL A 454 0.64 1.80 6.14
CA VAL A 454 0.61 2.91 7.11
C VAL A 454 2.05 3.21 7.64
N LEU A 455 2.83 2.16 7.90
CA LEU A 455 4.17 2.27 8.51
C LEU A 455 5.23 2.72 7.54
N ASN A 456 5.07 2.33 6.28
CA ASN A 456 5.95 2.80 5.20
C ASN A 456 5.75 4.30 4.99
N GLN A 457 4.50 4.73 4.82
CA GLN A 457 4.19 6.15 4.72
C GLN A 457 4.77 6.93 5.91
N LEU A 458 4.67 6.38 7.10
CA LEU A 458 5.21 7.00 8.30
C LEU A 458 6.72 7.24 8.22
N CYS A 459 7.44 6.23 7.74
CA CYS A 459 8.90 6.29 7.63
C CYS A 459 9.40 7.20 6.50
N VAL A 460 8.58 7.42 5.46
CA VAL A 460 8.93 8.36 4.40
C VAL A 460 8.89 9.78 4.97
N LEU A 461 7.71 10.23 5.42
CA LEU A 461 7.55 11.56 6.07
C LEU A 461 8.65 11.84 7.09
N HIS A 462 9.11 10.81 7.77
CA HIS A 462 10.21 10.93 8.71
C HIS A 462 11.59 11.09 8.06
N GLU A 463 11.83 10.37 6.97
CA GLU A 463 13.06 10.51 6.18
C GLU A 463 13.26 11.97 5.76
N LYS A 464 12.17 12.59 5.29
CA LYS A 464 12.19 13.98 4.86
C LYS A 464 12.60 14.97 5.97
N THR A 465 11.78 15.14 7.00
CA THR A 465 12.15 15.97 8.17
C THR A 465 12.18 15.10 9.42
N PRO A 466 13.33 14.50 9.75
CA PRO A 466 13.39 13.65 10.95
C PRO A 466 13.09 14.39 12.26
N VAL A 467 12.92 13.64 13.34
CA VAL A 467 12.32 14.18 14.57
C VAL A 467 12.64 13.36 15.82
N SER A 468 12.70 12.02 15.73
CA SER A 468 13.13 11.16 16.84
C SER A 468 14.06 10.04 16.36
N ASP A 469 15.17 9.84 17.05
CA ASP A 469 16.12 8.73 16.78
C ASP A 469 15.50 7.34 16.96
N ARG A 470 14.61 7.24 17.94
CA ARG A 470 13.88 6.02 18.22
C ARG A 470 12.97 5.66 17.05
N VAL A 471 12.39 6.68 16.41
CA VAL A 471 11.61 6.50 15.18
C VAL A 471 12.55 6.15 14.03
N THR A 472 13.68 6.86 13.92
CA THR A 472 14.68 6.50 12.90
C THR A 472 15.22 5.06 13.07
N LYS A 473 15.34 4.57 14.31
CA LYS A 473 15.72 3.17 14.58
C LYS A 473 14.69 2.19 13.97
N CYS A 474 13.41 2.44 14.21
CA CYS A 474 12.35 1.54 13.71
C CYS A 474 12.29 1.46 12.21
N CYS A 475 12.58 2.59 11.56
CA CYS A 475 12.57 2.73 10.10
C CYS A 475 13.85 2.28 9.40
N THR A 476 14.94 2.08 10.15
CA THR A 476 16.19 1.53 9.62
C THR A 476 16.46 0.26 10.42
N GLU A 477 15.55 -0.68 10.24
CA GLU A 477 15.55 -1.98 10.88
C GLU A 477 15.11 -2.93 9.78
N SER A 478 15.24 -4.23 9.98
CA SER A 478 14.71 -5.20 8.99
C SER A 478 13.20 -5.07 8.87
N LEU A 479 12.64 -5.55 7.76
CA LEU A 479 11.18 -5.53 7.57
C LEU A 479 10.46 -6.40 8.61
N VAL A 480 11.14 -7.44 9.08
CA VAL A 480 10.58 -8.34 10.08
C VAL A 480 10.43 -7.68 11.48
N ASN A 481 11.37 -6.80 11.83
CA ASN A 481 11.40 -6.13 13.15
C ASN A 481 10.88 -4.69 13.12
N ARG A 482 10.08 -4.34 12.12
CA ARG A 482 9.65 -2.95 11.97
C ARG A 482 8.54 -2.68 12.97
N ARG A 483 7.56 -3.57 13.01
CA ARG A 483 6.37 -3.41 13.82
C ARG A 483 6.63 -3.68 15.33
N PRO A 484 7.40 -4.73 15.70
CA PRO A 484 7.82 -4.84 17.10
C PRO A 484 8.60 -3.60 17.60
N CYS A 485 9.40 -2.98 16.74
CA CYS A 485 10.15 -1.78 17.13
C CYS A 485 9.20 -0.65 17.49
N PHE A 486 8.21 -0.40 16.65
CA PHE A 486 7.21 0.62 16.98
C PHE A 486 6.48 0.25 18.26
N SER A 487 6.11 -1.03 18.35
CA SER A 487 5.40 -1.56 19.52
C SER A 487 6.20 -1.47 20.83
N ALA A 488 7.53 -1.50 20.73
CA ALA A 488 8.42 -1.43 21.91
C ALA A 488 8.72 -0.01 22.39
N LEU A 489 8.15 0.99 21.74
CA LEU A 489 8.35 2.35 22.17
C LEU A 489 7.63 2.60 23.47
N GLU A 490 8.30 3.37 24.34
CA GLU A 490 7.82 3.68 25.67
C GLU A 490 7.59 5.18 25.80
N VAL A 491 6.72 5.54 26.73
CA VAL A 491 6.35 6.92 26.99
C VAL A 491 7.65 7.75 27.18
N ASP A 492 7.80 8.80 26.39
CA ASP A 492 9.01 9.63 26.41
C ASP A 492 9.11 10.30 27.77
N GLU A 493 10.01 9.79 28.61
CA GLU A 493 10.23 10.32 29.97
C GLU A 493 11.05 11.62 29.99
N THR A 494 11.72 11.91 28.86
CA THR A 494 12.54 13.12 28.66
C THR A 494 11.76 14.37 28.21
N TYR A 495 10.62 14.17 27.57
CA TYR A 495 9.90 15.27 26.92
C TYR A 495 9.65 16.41 27.89
N VAL A 496 9.91 17.63 27.43
CA VAL A 496 9.66 18.85 28.21
C VAL A 496 8.29 19.40 27.82
N PRO A 497 7.38 19.56 28.81
CA PRO A 497 6.04 20.07 28.50
C PRO A 497 6.03 21.43 27.82
N LYS A 498 5.32 21.56 26.70
CA LYS A 498 5.43 22.78 25.89
C LYS A 498 4.58 23.93 26.44
N GLU A 499 4.98 25.14 26.05
CA GLU A 499 4.40 26.41 26.48
C GLU A 499 2.92 26.43 26.14
N PHE A 500 2.10 26.77 27.12
CA PHE A 500 0.68 27.00 26.89
C PHE A 500 0.55 28.14 25.90
N ASN A 501 -0.26 27.92 24.87
CA ASN A 501 -0.65 28.97 23.93
C ASN A 501 -2.15 29.10 24.01
N ALA A 502 -2.61 30.30 24.38
CA ALA A 502 -4.03 30.60 24.57
C ALA A 502 -4.81 30.21 23.33
N GLU A 503 -4.43 30.81 22.19
CA GLU A 503 -5.14 30.62 20.91
C GLU A 503 -5.51 29.15 20.62
N THR A 504 -4.55 28.26 20.86
CA THR A 504 -4.67 26.82 20.63
C THR A 504 -5.93 26.19 21.26
N PHE A 505 -6.31 26.68 22.43
CA PHE A 505 -7.49 26.19 23.15
C PHE A 505 -8.70 27.17 23.13
N THR A 506 -8.74 28.07 22.14
CA THR A 506 -9.91 28.91 21.89
C THR A 506 -10.70 28.37 20.72
N PHE A 507 -11.99 28.13 20.96
CA PHE A 507 -12.94 27.62 19.97
C PHE A 507 -13.99 28.68 19.63
N HIS A 508 -14.15 28.96 18.34
CA HIS A 508 -15.16 29.90 17.84
C HIS A 508 -16.45 29.12 17.46
N ALA A 509 -17.49 29.84 17.02
CA ALA A 509 -18.84 29.26 16.77
C ALA A 509 -18.99 28.50 15.45
N ASP A 510 -17.99 28.63 14.57
CA ASP A 510 -17.89 27.86 13.33
C ASP A 510 -17.85 26.31 13.47
N ILE A 511 -17.38 25.78 14.62
CA ILE A 511 -17.37 24.31 14.85
C ILE A 511 -18.77 23.68 15.09
N CYS A 512 -19.83 24.48 14.98
CA CYS A 512 -21.19 23.94 14.83
C CYS A 512 -21.55 23.74 13.35
N THR A 513 -21.05 24.60 12.45
CA THR A 513 -21.34 24.53 11.00
C THR A 513 -20.48 23.52 10.25
N LEU A 514 -19.33 23.17 10.81
CA LEU A 514 -18.44 22.18 10.19
C LEU A 514 -19.14 20.81 10.05
N SER A 515 -18.54 19.94 9.24
CA SER A 515 -19.00 18.56 9.09
C SER A 515 -18.62 17.73 10.32
N GLU A 516 -19.17 16.53 10.45
CA GLU A 516 -18.70 15.60 11.46
C GLU A 516 -17.20 15.33 11.20
N LYS A 517 -16.81 15.15 9.94
CA LYS A 517 -15.39 14.88 9.61
C LYS A 517 -14.46 16.02 10.02
N GLU A 518 -14.88 17.27 9.83
CA GLU A 518 -14.04 18.42 10.14
C GLU A 518 -14.01 18.72 11.65
N ARG A 519 -15.18 18.69 12.29
CA ARG A 519 -15.31 18.80 13.75
C ARG A 519 -14.31 17.88 14.48
N GLN A 520 -14.31 16.62 14.07
CA GLN A 520 -13.43 15.61 14.64
C GLN A 520 -11.94 15.97 14.53
N ILE A 521 -11.49 16.44 13.37
CA ILE A 521 -10.09 16.87 13.22
C ILE A 521 -9.74 18.07 14.12
N LYS A 522 -10.70 18.99 14.30
CA LYS A 522 -10.51 20.18 15.17
C LYS A 522 -10.34 19.77 16.62
N LYS A 523 -11.24 18.92 17.09
CA LYS A 523 -11.20 18.44 18.45
C LYS A 523 -9.96 17.56 18.69
N GLN A 524 -9.71 16.63 17.77
CA GLN A 524 -8.52 15.75 17.80
C GLN A 524 -7.20 16.53 17.83
N THR A 525 -7.08 17.62 17.08
CA THR A 525 -5.90 18.48 17.16
C THR A 525 -5.73 19.05 18.58
N ALA A 526 -6.84 19.47 19.19
CA ALA A 526 -6.84 20.02 20.55
C ALA A 526 -6.43 19.01 21.61
N LEU A 527 -6.82 17.76 21.41
CA LEU A 527 -6.37 16.65 22.28
C LEU A 527 -4.85 16.42 22.22
N VAL A 528 -4.30 16.48 21.02
CA VAL A 528 -2.84 16.31 20.82
C VAL A 528 -2.12 17.47 21.49
N GLU A 529 -2.48 18.69 21.11
CA GLU A 529 -1.93 19.89 21.74
C GLU A 529 -2.11 19.89 23.27
N LEU A 530 -3.20 19.30 23.77
CA LEU A 530 -3.42 19.12 25.23
C LEU A 530 -2.49 18.07 25.85
N VAL A 531 -2.32 16.92 25.21
CA VAL A 531 -1.39 15.91 25.70
C VAL A 531 0.07 16.40 25.61
N LYS A 532 0.40 17.22 24.61
CA LYS A 532 1.71 17.89 24.56
C LYS A 532 1.96 18.96 25.63
N HIS A 533 0.90 19.59 26.14
CA HIS A 533 1.04 20.59 27.21
C HIS A 533 1.10 19.95 28.59
N LYS A 534 0.37 18.86 28.77
CA LYS A 534 0.34 18.12 30.03
C LYS A 534 0.58 16.60 29.82
N PRO A 535 1.80 16.21 29.40
CA PRO A 535 2.08 14.78 29.20
C PRO A 535 1.79 13.89 30.40
N LYS A 536 2.10 14.35 31.62
CA LYS A 536 1.94 13.54 32.84
C LYS A 536 0.51 13.45 33.41
N ALA A 537 -0.50 13.41 32.54
CA ALA A 537 -1.92 13.37 32.94
C ALA A 537 -2.54 11.95 32.89
N THR A 538 -3.49 11.69 33.79
CA THR A 538 -4.04 10.35 33.99
C THR A 538 -5.20 10.13 33.03
N LYS A 539 -5.58 8.86 32.86
CA LYS A 539 -6.75 8.50 32.05
C LYS A 539 -8.03 9.12 32.63
N GLU A 540 -8.13 9.18 33.95
CA GLU A 540 -9.29 9.82 34.60
C GLU A 540 -9.30 11.35 34.48
N GLN A 541 -8.14 11.99 34.62
CA GLN A 541 -8.00 13.45 34.44
C GLN A 541 -8.37 13.88 33.00
N LEU A 542 -7.70 13.26 32.03
CA LEU A 542 -8.00 13.50 30.62
C LEU A 542 -9.43 13.09 30.25
N LYS A 543 -10.02 12.08 30.88
CA LYS A 543 -11.45 11.78 30.67
C LYS A 543 -12.33 12.89 31.20
N ALA A 544 -11.89 13.58 32.25
CA ALA A 544 -12.64 14.66 32.87
C ALA A 544 -12.55 15.95 32.07
N VAL A 545 -11.33 16.33 31.63
CA VAL A 545 -11.12 17.50 30.74
C VAL A 545 -11.86 17.28 29.41
N MET A 546 -11.81 16.06 28.87
CA MET A 546 -12.59 15.71 27.68
C MET A 546 -14.10 15.90 27.90
N ASP A 547 -14.68 15.36 28.98
CA ASP A 547 -16.15 15.49 29.23
C ASP A 547 -16.61 16.93 29.52
N ASP A 548 -15.81 17.68 30.26
CA ASP A 548 -16.03 19.12 30.38
C ASP A 548 -16.09 19.79 29.00
N PHE A 549 -15.26 19.33 28.08
CA PHE A 549 -15.26 19.86 26.72
C PHE A 549 -16.50 19.39 25.95
N ALA A 550 -16.97 18.17 26.17
CA ALA A 550 -18.20 17.68 25.51
C ALA A 550 -19.44 18.49 25.88
N ALA A 551 -19.65 18.74 27.18
CA ALA A 551 -20.70 19.63 27.67
C ALA A 551 -20.59 21.10 27.16
N PHE A 552 -19.39 21.68 27.21
CA PHE A 552 -19.10 23.05 26.71
C PHE A 552 -19.57 23.30 25.28
N VAL A 553 -19.17 22.44 24.35
CA VAL A 553 -19.68 22.49 22.96
C VAL A 553 -21.21 22.34 22.92
N GLU A 554 -21.73 21.23 23.45
CA GLU A 554 -23.17 20.94 23.46
C GLU A 554 -23.98 22.10 24.02
N LYS A 555 -23.45 22.73 25.06
CA LYS A 555 -24.06 23.90 25.69
C LYS A 555 -24.08 25.13 24.76
N CYS A 556 -22.99 25.38 24.04
CA CYS A 556 -22.87 26.54 23.13
C CYS A 556 -23.41 26.34 21.71
N CYS A 557 -23.42 25.12 21.16
CA CYS A 557 -24.09 24.85 19.85
C CYS A 557 -25.59 24.47 20.01
N LYS A 558 -26.22 24.87 21.12
CA LYS A 558 -27.68 24.73 21.31
C LYS A 558 -28.23 25.83 22.24
N ALA A 559 -27.89 27.08 21.92
CA ALA A 559 -28.30 28.24 22.69
C ALA A 559 -28.27 29.51 21.83
N ASP A 560 -29.04 30.52 22.23
CA ASP A 560 -29.09 31.80 21.53
C ASP A 560 -27.77 32.56 21.75
N ASP A 561 -27.31 33.28 20.73
CA ASP A 561 -25.99 33.95 20.73
C ASP A 561 -24.85 32.97 20.98
N LYS A 562 -24.62 32.12 19.98
CA LYS A 562 -23.60 31.07 20.03
C LYS A 562 -22.17 31.62 20.29
N GLU A 563 -21.83 32.79 19.76
CA GLU A 563 -20.44 33.29 19.82
C GLU A 563 -19.96 33.76 21.23
N THR A 564 -20.76 34.56 21.93
CA THR A 564 -20.40 35.04 23.28
C THR A 564 -20.32 33.90 24.28
N CYS A 565 -21.16 32.87 24.11
CA CYS A 565 -21.03 31.61 24.85
C CYS A 565 -19.63 31.02 24.67
N PHE A 566 -19.20 30.89 23.42
CA PHE A 566 -17.92 30.25 23.09
C PHE A 566 -16.66 30.95 23.60
N ALA A 567 -16.75 32.22 23.98
CA ALA A 567 -15.63 32.95 24.59
C ALA A 567 -15.76 33.09 26.13
N GLU A 568 -16.99 32.99 26.66
CA GLU A 568 -17.29 33.17 28.10
C GLU A 568 -17.17 31.84 28.88
N GLU A 569 -17.84 30.81 28.38
CA GLU A 569 -17.63 29.44 28.85
C GLU A 569 -16.19 29.02 28.57
N GLY A 570 -15.65 29.43 27.42
CA GLY A 570 -14.29 29.13 27.04
C GLY A 570 -13.26 29.61 28.04
N LYS A 571 -13.45 30.83 28.55
CA LYS A 571 -12.58 31.36 29.61
C LYS A 571 -12.56 30.36 30.78
N LYS A 572 -13.76 29.92 31.19
CA LYS A 572 -13.93 29.00 32.33
C LYS A 572 -13.37 27.62 32.08
N LEU A 573 -13.64 27.05 30.92
CA LEU A 573 -13.12 25.73 30.59
C LEU A 573 -11.61 25.64 30.76
N VAL A 574 -10.89 26.58 30.16
CA VAL A 574 -9.44 26.60 30.23
C VAL A 574 -8.93 26.71 31.67
N ALA A 575 -9.39 27.70 32.44
CA ALA A 575 -8.88 27.89 33.83
C ALA A 575 -9.12 26.67 34.72
N ALA A 576 -10.34 26.13 34.68
CA ALA A 576 -10.70 24.92 35.41
C ALA A 576 -9.86 23.71 34.98
N SER A 577 -9.65 23.57 33.68
CA SER A 577 -8.82 22.51 33.13
C SER A 577 -7.37 22.71 33.50
N GLN A 578 -6.90 23.96 33.52
CA GLN A 578 -5.54 24.24 33.97
C GLN A 578 -5.36 23.75 35.40
N ALA A 579 -6.32 24.07 36.25
CA ALA A 579 -6.28 23.75 37.68
C ALA A 579 -6.27 22.25 38.00
N ALA A 580 -7.13 21.49 37.31
CA ALA A 580 -7.24 20.03 37.49
C ALA A 580 -6.01 19.26 37.01
N LEU A 581 -5.09 19.94 36.32
CA LEU A 581 -3.79 19.38 36.01
C LEU A 581 -2.73 20.21 36.77
C1 PLM B . -10.71 11.61 -6.10
O1 PLM B . -11.69 10.87 -5.90
O2 PLM B . -9.90 11.87 -5.18
C2 PLM B . -10.44 12.21 -7.48
C3 PLM B . -11.69 12.39 -8.36
C4 PLM B . -12.03 11.16 -9.21
C5 PLM B . -12.97 11.44 -10.40
C6 PLM B . -12.36 11.07 -11.76
C7 PLM B . -12.68 9.63 -12.17
C8 PLM B . -11.79 9.08 -13.28
C9 PLM B . -10.41 8.62 -12.81
CA PLM B . -9.75 7.52 -13.66
CB PLM B . -8.79 6.65 -12.84
C1 PLM C . -0.45 -7.91 -17.53
O1 PLM C . -0.09 -7.20 -16.56
O2 PLM C . -1.47 -8.65 -17.48
C2 PLM C . 0.39 -7.89 -18.78
C3 PLM C . -0.49 -7.87 -20.05
C4 PLM C . 0.16 -7.05 -21.18
C5 PLM C . -0.16 -5.55 -21.09
C6 PLM C . 0.16 -4.86 -22.40
C7 PLM C . 0.47 -3.38 -22.23
C8 PLM C . 1.23 -2.81 -23.44
C9 PLM C . 0.55 -1.56 -24.02
CA PLM C . 1.46 -0.87 -25.04
CB PLM C . 0.70 0.00 -26.03
CC PLM C . 1.56 0.39 -27.24
CD PLM C . 2.70 1.36 -26.89
CE PLM C . 2.93 2.47 -27.93
CF PLM C . 3.56 1.97 -29.22
CG PLM C . 3.86 3.10 -30.19
C1 PLM D . 3.03 -8.82 12.87
O1 PLM D . 3.96 -8.30 13.54
O2 PLM D . 2.96 -10.06 12.66
C2 PLM D . 1.92 -7.97 12.29
C3 PLM D . 0.70 -7.90 13.22
C4 PLM D . 0.38 -6.49 13.68
C5 PLM D . -0.35 -6.51 15.03
C6 PLM D . -1.37 -5.38 15.22
C7 PLM D . -1.00 -4.35 16.29
C8 PLM D . -1.53 -2.93 15.97
C9 PLM D . -2.39 -2.32 17.08
CA PLM D . -2.63 -0.81 16.95
CB PLM D . -3.41 -0.39 15.70
CC PLM D . -4.86 -0.89 15.68
CD PLM D . -5.11 -2.04 14.70
CE PLM D . -5.74 -3.27 15.33
CF PLM D . -5.34 -4.54 14.57
C1 PLM E . 1.51 -1.34 19.42
O1 PLM E . 2.10 -2.23 20.11
O2 PLM E . 1.03 -0.27 19.91
C2 PLM E . 1.32 -1.56 17.94
C3 PLM E . 2.15 -0.59 17.08
C4 PLM E . 1.40 -0.18 15.82
C5 PLM E . 2.19 0.81 14.97
C6 PLM E . 1.84 2.29 15.20
C7 PLM E . 3.01 3.07 15.82
C8 PLM E . 2.84 4.59 15.69
C9 PLM E . 3.87 5.30 16.57
CA PLM E . 3.74 6.83 16.51
CB PLM E . 4.98 7.53 15.99
CC PLM E . 4.68 8.47 14.82
CD PLM E . 5.97 8.77 14.06
CE PLM E . 5.74 9.74 12.90
CF PLM E . 6.99 9.88 12.04
CG PLM E . 6.90 11.07 11.11
C1 PLM F . -15.02 14.03 22.48
O1 PLM F . -15.97 14.78 22.81
O2 PLM F . -15.19 13.04 21.75
C2 PLM F . -13.62 14.32 23.02
C3 PLM F . -12.89 15.50 22.34
C4 PLM F . -11.86 16.14 23.29
C5 PLM F . -11.21 17.41 22.75
C6 PLM F . -10.15 17.95 23.72
C7 PLM F . -10.15 19.46 23.95
C8 PLM F . -9.70 19.82 25.37
C9 PLM F . -9.16 21.25 25.50
CA PLM F . -9.63 21.94 26.79
CB PLM F . -8.69 23.07 27.17
CC PLM F . -7.55 22.58 28.06
CD PLM F . -6.54 23.65 28.51
CE PLM F . -5.36 22.92 29.18
CF PLM F . -4.64 23.73 30.25
C1 PLM G . 18.78 -10.44 8.95
O1 PLM G . 19.55 -10.65 7.99
O2 PLM G . 19.15 -9.80 9.97
C2 PLM G . 17.34 -10.95 8.90
C3 PLM G . 17.12 -12.06 7.85
C4 PLM G . 15.68 -12.60 7.90
C5 PLM G . 15.24 -13.31 6.62
C6 PLM G . 14.48 -14.61 6.90
C7 PLM G . 15.40 -15.81 7.21
C8 PLM G . 14.90 -17.09 6.54
C9 PLM G . 15.39 -17.13 5.10
CA PLM G . 14.80 -18.25 4.27
CB PLM G . 15.52 -18.27 2.92
CC PLM G . 14.57 -18.49 1.75
CD PLM G . 15.31 -18.76 0.45
CE PLM G . 14.33 -18.91 -0.71
CF PLM G . 14.44 -20.25 -1.44
CG PLM G . 13.13 -20.59 -2.16
CL1 ZJZ H . 1.32 -16.38 -8.21
C12 ZJZ H . 1.04 -15.09 -7.02
C13 ZJZ H . 1.57 -13.83 -7.28
C8 ZJZ H . 1.38 -12.80 -6.36
C9 ZJZ H . 0.65 -13.08 -5.16
N14 ZJZ H . 0.38 -12.17 -4.17
C10 ZJZ H . 0.14 -14.35 -4.93
C11 ZJZ H . 0.32 -15.36 -5.87
C7 ZJZ H . 1.93 -11.43 -6.66
N8 ZJZ H . 3.29 -11.20 -6.17
N9 ZJZ H . 3.92 -11.71 -4.99
C22 ZJZ H . 5.16 -11.27 -4.69
N24 ZJZ H . 5.86 -11.88 -3.73
S23 ZJZ H . 5.86 -9.92 -5.48
PT1 ZJZ H . 4.34 -9.99 -7.28
C4 ZJZ H . 3.02 -10.21 -8.80
C5 ZJZ H . 2.01 -10.98 -8.11
C3 ZJZ H . 2.81 -9.85 -10.18
C2 ZJZ H . 2.09 -10.11 -11.38
C1 ZJZ H . 1.32 -10.55 -10.28
C6 ZJZ H . 1.08 -11.22 -9.06
#